data_9FL3
#
_entry.id   9FL3
#
_cell.length_a   64.456
_cell.length_b   84.581
_cell.length_c   119.286
_cell.angle_alpha   90
_cell.angle_beta   90
_cell.angle_gamma   90
#
_symmetry.space_group_name_H-M   'C 2 2 21'
#
loop_
_entity.id
_entity.type
_entity.pdbx_description
1 polymer Interleukin-17A
2 non-polymer (~{E})-~{N}-[(~{S})-[4,4-bis(fluoranyl)cyclohexyl]-[7-[(1~{S})-2-methoxy-1-[(4~{S})-2-oxidanylidene-4-(trifluoromethyl)imidazolidin-1-yl]ethyl]imidazo[1,2-b]pyridazin-2-yl]methyl]-3-cyclopropyl-2-fluoranyl-prop-2-enamide
3 water water
#
_entity_poly.entity_id   1
_entity_poly.type   'polypeptide(L)'
_entity_poly.pdbx_seq_one_letter_code
;MPNSEDKNFPRTVMVNLNIHNRNTNTNPKRSSDYYNRSTSPWNLHRNEDPERYPSVIWEAKCRHLGCINADGNVDYHMNS
VPIQQEILVLRREPPHSPNSFRLEKILVSVGCTCVTPIVHHVA
;
_entity_poly.pdbx_strand_id   A,B
#
loop_
_chem_comp.id
_chem_comp.type
_chem_comp.name
_chem_comp.formula
A1IDS non-polymer (~{E})-~{N}-[(~{S})-[4,4-bis(fluoranyl)cyclohexyl]-[7-[(1~{S})-2-methoxy-1-[(4~{S})-2-oxidanylidene-4-(trifluoromethyl)imidazolidin-1-yl]ethyl]imidazo[1,2-b]pyridazin-2-yl]methyl]-3-cyclopropyl-2-fluoranyl-prop-2-enamide 'C26 H30 F6 N6 O3'
#
# COMPACT_ATOMS: atom_id res chain seq x y z
N PRO A 10 -9.33 -25.91 7.62
CA PRO A 10 -8.35 -25.05 8.33
C PRO A 10 -6.92 -25.17 7.81
N ARG A 11 -6.30 -24.03 7.51
CA ARG A 11 -4.91 -23.98 7.04
C ARG A 11 -4.11 -23.28 8.14
N THR A 12 -3.84 -24.00 9.23
CA THR A 12 -3.12 -23.42 10.35
C THR A 12 -1.61 -23.51 10.17
N VAL A 13 -0.95 -22.36 10.29
CA VAL A 13 0.50 -22.28 10.18
C VAL A 13 1.03 -21.58 11.46
N MET A 14 2.33 -21.72 11.69
CA MET A 14 2.97 -21.04 12.82
C MET A 14 3.68 -19.82 12.28
N VAL A 15 3.57 -18.71 13.01
CA VAL A 15 4.24 -17.47 12.61
C VAL A 15 5.03 -16.92 13.78
N ASN A 16 6.31 -16.63 13.56
CA ASN A 16 7.13 -15.96 14.56
C ASN A 16 6.96 -14.45 14.26
N LEU A 17 6.34 -13.71 15.18
CA LEU A 17 6.10 -12.28 15.03
C LEU A 17 7.35 -11.40 15.21
N ASN A 18 8.50 -11.98 15.57
CA ASN A 18 9.74 -11.18 15.70
C ASN A 18 10.30 -10.91 14.31
N ILE A 19 10.18 -9.66 13.86
CA ILE A 19 10.59 -9.25 12.52
C ILE A 19 12.10 -9.42 12.32
N HIS A 20 12.47 -10.06 11.19
CA HIS A 20 13.86 -10.35 10.80
C HIS A 20 14.62 -9.05 10.53
N ASN A 21 15.68 -8.79 11.32
CA ASN A 21 16.52 -7.58 11.22
C ASN A 21 15.72 -6.28 11.25
N ASP A 33 8.09 12.72 3.52
CA ASP A 33 8.80 13.98 3.22
C ASP A 33 9.13 14.13 1.74
N TYR A 34 9.37 12.99 1.07
CA TYR A 34 9.68 12.92 -0.35
C TYR A 34 8.40 13.23 -1.15
N TYR A 35 7.30 12.61 -0.72
CA TYR A 35 5.97 12.76 -1.28
C TYR A 35 5.28 14.08 -0.91
N ASN A 36 5.97 14.95 -0.12
CA ASN A 36 5.48 16.28 0.27
C ASN A 36 5.32 17.16 -0.97
N ARG A 37 6.11 16.94 -2.04
CA ARG A 37 5.99 17.74 -3.25
C ARG A 37 4.94 17.21 -4.25
N SER A 38 4.11 16.27 -3.82
CA SER A 38 3.04 15.71 -4.63
C SER A 38 1.99 16.78 -4.93
N THR A 39 1.40 16.74 -6.13
CA THR A 39 0.25 17.57 -6.45
C THR A 39 -0.99 17.06 -5.68
N SER A 40 -0.97 15.82 -5.14
CA SER A 40 -2.06 15.30 -4.33
C SER A 40 -1.44 14.85 -3.02
N PRO A 41 -0.95 15.80 -2.18
CA PRO A 41 -0.31 15.41 -0.94
C PRO A 41 -1.26 14.81 0.09
N TRP A 42 -0.70 14.09 1.05
CA TRP A 42 -1.48 13.43 2.07
C TRP A 42 -0.82 13.50 3.42
N ASN A 43 -1.63 13.30 4.44
CA ASN A 43 -1.21 13.19 5.81
C ASN A 43 -1.51 11.77 6.29
N LEU A 44 -0.90 11.36 7.41
CA LEU A 44 -1.12 10.03 7.95
C LEU A 44 -2.08 10.05 9.13
N HIS A 45 -2.98 9.09 9.16
CA HIS A 45 -4.03 8.92 10.15
C HIS A 45 -3.84 7.57 10.84
N ARG A 46 -3.83 7.56 12.16
CA ARG A 46 -3.66 6.38 12.99
C ARG A 46 -4.95 5.57 13.10
N ASN A 47 -4.94 4.35 12.59
CA ASN A 47 -6.08 3.44 12.68
C ASN A 47 -5.68 2.32 13.68
N GLU A 48 -6.25 2.37 14.90
CA GLU A 48 -5.92 1.39 15.93
C GLU A 48 -7.04 0.37 16.20
N ASP A 49 -6.68 -0.92 16.26
CA ASP A 49 -7.62 -1.99 16.54
C ASP A 49 -6.92 -3.02 17.43
N PRO A 50 -7.31 -3.12 18.72
CA PRO A 50 -6.66 -4.08 19.62
C PRO A 50 -6.91 -5.57 19.28
N GLU A 51 -7.93 -5.84 18.46
CA GLU A 51 -8.24 -7.21 18.04
C GLU A 51 -7.56 -7.64 16.75
N ARG A 52 -6.63 -6.83 16.26
CA ARG A 52 -5.95 -7.05 15.01
C ARG A 52 -4.44 -6.97 15.15
N TYR A 53 -3.72 -7.68 14.27
CA TYR A 53 -2.28 -7.54 14.14
C TYR A 53 -2.00 -7.24 12.65
N PRO A 54 -1.30 -6.13 12.31
CA PRO A 54 -0.81 -5.07 13.22
C PRO A 54 -1.97 -4.28 13.84
N SER A 55 -1.86 -3.91 15.13
CA SER A 55 -2.92 -3.12 15.77
C SER A 55 -2.95 -1.69 15.24
N VAL A 56 -1.78 -1.13 14.92
CA VAL A 56 -1.73 0.22 14.37
C VAL A 56 -1.44 0.20 12.89
N ILE A 57 -2.32 0.81 12.09
CA ILE A 57 -2.12 0.96 10.66
C ILE A 57 -2.19 2.45 10.33
N TRP A 58 -1.16 2.99 9.70
CA TRP A 58 -1.14 4.40 9.29
C TRP A 58 -1.73 4.51 7.90
N GLU A 59 -2.85 5.18 7.78
CA GLU A 59 -3.51 5.36 6.48
C GLU A 59 -3.30 6.78 5.94
N ALA A 60 -3.33 6.95 4.63
CA ALA A 60 -3.18 8.26 4.02
C ALA A 60 -4.54 8.98 3.86
N LYS A 61 -4.59 10.25 4.22
CA LYS A 61 -5.76 11.09 4.03
C LYS A 61 -5.26 12.23 3.14
N CYS A 62 -5.85 12.40 1.95
CA CYS A 62 -5.51 13.50 1.04
C CYS A 62 -5.67 14.85 1.75
N ARG A 63 -4.68 15.74 1.63
CA ARG A 63 -4.78 17.04 2.29
C ARG A 63 -5.84 17.92 1.64
N HIS A 64 -6.04 17.81 0.32
CA HIS A 64 -7.00 18.68 -0.36
C HIS A 64 -7.95 17.88 -1.23
N LEU A 65 -9.09 18.49 -1.59
CA LEU A 65 -10.06 17.96 -2.53
C LEU A 65 -9.49 18.08 -3.96
N GLY A 66 -8.80 19.18 -4.25
CA GLY A 66 -8.18 19.40 -5.55
C GLY A 66 -6.72 19.00 -5.58
N CYS A 67 -6.05 19.31 -6.67
CA CYS A 67 -4.64 19.02 -6.85
C CYS A 67 -3.88 20.35 -6.85
N ILE A 68 -2.67 20.39 -6.29
CA ILE A 68 -1.87 21.61 -6.25
C ILE A 68 -1.20 21.83 -7.58
N ASN A 69 -1.46 22.99 -8.22
CA ASN A 69 -0.88 23.29 -9.53
C ASN A 69 0.57 23.83 -9.40
N ALA A 70 1.15 24.24 -10.53
CA ALA A 70 2.52 24.77 -10.64
C ALA A 70 2.74 26.04 -9.80
N ASP A 71 1.69 26.84 -9.64
CA ASP A 71 1.78 28.05 -8.84
C ASP A 71 1.71 27.80 -7.32
N GLY A 72 1.53 26.55 -6.89
CA GLY A 72 1.35 26.21 -5.49
C GLY A 72 -0.08 26.42 -5.01
N ASN A 73 -1.02 26.73 -5.93
CA ASN A 73 -2.41 26.94 -5.57
C ASN A 73 -3.27 25.70 -5.87
N VAL A 74 -4.38 25.52 -5.13
CA VAL A 74 -5.26 24.39 -5.39
C VAL A 74 -6.13 24.59 -6.62
N ASP A 75 -6.10 23.64 -7.54
CA ASP A 75 -6.94 23.62 -8.73
C ASP A 75 -8.02 22.54 -8.48
N TYR A 76 -9.29 22.97 -8.36
CA TYR A 76 -10.42 22.10 -8.14
C TYR A 76 -11.02 21.46 -9.41
N HIS A 77 -10.43 21.74 -10.59
CA HIS A 77 -10.85 21.05 -11.82
C HIS A 77 -10.29 19.60 -11.86
N MET A 78 -9.34 19.25 -10.96
CA MET A 78 -8.79 17.91 -10.75
C MET A 78 -9.00 17.49 -9.29
N ASN A 79 -8.89 16.20 -9.00
CA ASN A 79 -9.11 15.71 -7.64
C ASN A 79 -7.96 14.90 -7.09
N SER A 80 -7.68 15.09 -5.82
CA SER A 80 -6.76 14.22 -5.09
C SER A 80 -7.63 13.08 -4.64
N VAL A 81 -7.23 11.85 -4.92
CA VAL A 81 -7.99 10.68 -4.51
C VAL A 81 -7.10 9.72 -3.79
N PRO A 82 -7.61 9.11 -2.70
CA PRO A 82 -6.80 8.13 -1.99
C PRO A 82 -6.66 6.85 -2.82
N ILE A 83 -5.49 6.23 -2.79
CA ILE A 83 -5.24 4.97 -3.46
C ILE A 83 -5.61 3.88 -2.44
N GLN A 84 -6.70 3.16 -2.69
CA GLN A 84 -7.18 2.12 -1.80
C GLN A 84 -6.59 0.78 -2.26
N GLN A 85 -5.98 0.06 -1.35
CA GLN A 85 -5.32 -1.22 -1.59
C GLN A 85 -5.85 -2.26 -0.60
N GLU A 86 -6.06 -3.51 -1.05
CA GLU A 86 -6.45 -4.58 -0.12
C GLU A 86 -5.17 -5.06 0.56
N ILE A 87 -5.17 -5.09 1.87
CA ILE A 87 -4.04 -5.65 2.62
C ILE A 87 -4.56 -6.79 3.50
N LEU A 88 -3.66 -7.65 3.94
CA LEU A 88 -4.00 -8.75 4.82
C LEU A 88 -3.65 -8.35 6.24
N VAL A 89 -4.49 -8.70 7.18
CA VAL A 89 -4.25 -8.46 8.60
C VAL A 89 -4.59 -9.77 9.36
N LEU A 90 -4.18 -9.86 10.63
CA LEU A 90 -4.52 -11.03 11.47
C LEU A 90 -5.61 -10.60 12.43
N ARG A 91 -6.68 -11.35 12.52
CA ARG A 91 -7.78 -11.06 13.44
C ARG A 91 -7.70 -12.06 14.56
N ARG A 92 -7.77 -11.63 15.83
CA ARG A 92 -7.72 -12.56 16.95
C ARG A 92 -8.88 -13.53 16.89
N GLU A 93 -8.58 -14.83 16.89
CA GLU A 93 -9.61 -15.87 16.85
C GLU A 93 -9.22 -17.00 17.81
N PRO A 94 -10.00 -17.26 18.89
CA PRO A 94 -11.20 -16.53 19.33
C PRO A 94 -10.89 -15.10 19.77
N PRO A 95 -11.91 -14.22 19.91
CA PRO A 95 -11.62 -12.83 20.29
C PRO A 95 -10.77 -12.72 21.56
N HIS A 96 -9.85 -11.75 21.57
CA HIS A 96 -8.93 -11.47 22.66
C HIS A 96 -7.76 -12.44 22.77
N SER A 97 -7.72 -13.50 21.94
CA SER A 97 -6.64 -14.47 22.00
C SER A 97 -5.29 -13.83 21.72
N PRO A 98 -4.31 -14.04 22.61
CA PRO A 98 -2.98 -13.47 22.38
C PRO A 98 -2.13 -14.23 21.36
N ASN A 99 -2.53 -15.47 21.00
CA ASN A 99 -1.66 -16.30 20.18
C ASN A 99 -2.32 -17.03 19.02
N SER A 100 -3.54 -16.67 18.64
CA SER A 100 -4.23 -17.36 17.56
C SER A 100 -5.07 -16.40 16.78
N PHE A 101 -4.94 -16.49 15.46
CA PHE A 101 -5.52 -15.53 14.56
C PHE A 101 -6.08 -16.17 13.31
N ARG A 102 -6.89 -15.42 12.59
CA ARG A 102 -7.37 -15.79 11.28
C ARG A 102 -6.98 -14.67 10.33
N LEU A 103 -6.48 -15.03 9.15
CA LEU A 103 -6.12 -14.06 8.13
C LEU A 103 -7.39 -13.35 7.63
N GLU A 104 -7.26 -12.05 7.36
CA GLU A 104 -8.42 -11.27 6.96
C GLU A 104 -8.01 -10.13 6.01
N LYS A 105 -8.87 -9.75 5.09
CA LYS A 105 -8.57 -8.69 4.12
C LYS A 105 -9.24 -7.40 4.57
N ILE A 106 -8.51 -6.27 4.48
CA ILE A 106 -9.07 -4.97 4.74
C ILE A 106 -8.63 -3.99 3.64
N LEU A 107 -9.40 -2.91 3.45
CA LEU A 107 -9.08 -1.92 2.44
C LEU A 107 -8.41 -0.73 3.16
N VAL A 108 -7.20 -0.38 2.74
CA VAL A 108 -6.49 0.75 3.36
C VAL A 108 -6.07 1.75 2.31
N SER A 109 -5.94 3.01 2.72
CA SER A 109 -5.46 4.07 1.86
C SER A 109 -3.94 4.17 2.02
N VAL A 110 -3.21 3.93 0.93
CA VAL A 110 -1.74 3.90 0.93
C VAL A 110 -1.07 5.15 0.35
N GLY A 111 -1.85 6.11 -0.09
CA GLY A 111 -1.34 7.35 -0.63
C GLY A 111 -2.42 8.03 -1.42
N CYS A 112 -2.08 9.18 -2.03
CA CYS A 112 -3.02 9.88 -2.88
C CYS A 112 -2.43 10.10 -4.23
N THR A 113 -3.30 10.13 -5.24
CA THR A 113 -2.93 10.42 -6.62
C THR A 113 -3.89 11.51 -7.15
N CYS A 114 -3.52 12.18 -8.26
CA CYS A 114 -4.36 13.22 -8.83
C CYS A 114 -5.08 12.69 -10.07
N VAL A 115 -6.40 12.81 -10.13
CA VAL A 115 -7.17 12.30 -11.25
C VAL A 115 -7.99 13.38 -11.94
N THR A 116 -8.24 13.17 -13.22
CA THR A 116 -9.07 14.06 -13.99
C THR A 116 -10.46 13.48 -13.87
N PRO A 117 -11.44 14.25 -13.35
CA PRO A 117 -12.80 13.70 -13.19
C PRO A 117 -13.47 13.20 -14.47
N ILE A 118 -14.44 12.29 -14.32
CA ILE A 118 -15.18 11.69 -15.42
C ILE A 118 -16.41 12.51 -15.79
N PRO B 10 11.56 -15.58 20.07
CA PRO B 10 10.43 -16.05 19.26
C PRO B 10 9.06 -15.78 19.89
N ARG B 11 8.16 -15.14 19.13
CA ARG B 11 6.78 -14.88 19.54
C ARG B 11 5.94 -15.70 18.55
N THR B 12 5.80 -16.99 18.83
CA THR B 12 5.08 -17.88 17.95
C THR B 12 3.58 -17.87 18.20
N VAL B 13 2.83 -17.62 17.13
CA VAL B 13 1.38 -17.61 17.16
C VAL B 13 0.88 -18.56 16.06
N MET B 14 -0.40 -18.95 16.15
CA MET B 14 -1.02 -19.76 15.13
C MET B 14 -1.86 -18.86 14.27
N VAL B 15 -1.81 -19.09 12.97
CA VAL B 15 -2.63 -18.32 12.03
C VAL B 15 -3.37 -19.28 11.12
N ASN B 16 -4.70 -19.12 11.02
CA ASN B 16 -5.49 -19.87 10.06
C ASN B 16 -5.51 -19.00 8.78
N LEU B 17 -4.87 -19.47 7.70
CA LEU B 17 -4.77 -18.77 6.43
C LEU B 17 -6.09 -18.73 5.64
N ASN B 18 -7.14 -19.46 6.07
CA ASN B 18 -8.42 -19.45 5.37
C ASN B 18 -9.19 -18.19 5.70
N ILE B 19 -9.24 -17.24 4.77
CA ILE B 19 -9.97 -15.99 4.96
C ILE B 19 -11.48 -16.25 4.89
N HIS B 20 -12.27 -15.66 5.80
CA HIS B 20 -13.72 -15.85 5.80
C HIS B 20 -14.39 -14.99 4.73
N SER B 32 -9.38 0.96 -9.76
CA SER B 32 -8.32 0.56 -10.69
C SER B 32 -8.54 1.24 -12.04
N ASP B 33 -9.79 1.20 -12.52
CA ASP B 33 -10.23 1.90 -13.73
C ASP B 33 -10.39 3.42 -13.44
N TYR B 34 -10.62 3.78 -12.16
CA TYR B 34 -10.67 5.17 -11.71
C TYR B 34 -9.22 5.69 -11.68
N TYR B 35 -8.25 4.87 -11.19
CA TYR B 35 -6.85 5.32 -11.18
C TYR B 35 -6.22 5.41 -12.58
N ASN B 36 -6.92 4.91 -13.63
CA ASN B 36 -6.47 5.06 -15.00
C ASN B 36 -6.48 6.57 -15.41
N ARG B 37 -7.33 7.39 -14.73
CA ARG B 37 -7.46 8.82 -14.97
C ARG B 37 -6.38 9.65 -14.20
N SER B 38 -5.40 8.99 -13.58
CA SER B 38 -4.35 9.65 -12.84
C SER B 38 -3.40 10.42 -13.78
N THR B 39 -2.90 11.57 -13.30
CA THR B 39 -1.86 12.29 -14.03
C THR B 39 -0.51 11.52 -13.93
N SER B 40 -0.39 10.57 -13.00
CA SER B 40 0.79 9.74 -12.87
C SER B 40 0.30 8.29 -12.90
N PRO B 41 -0.18 7.82 -14.07
CA PRO B 41 -0.73 6.47 -14.13
C PRO B 41 0.32 5.39 -13.99
N TRP B 42 -0.12 4.19 -13.64
CA TRP B 42 0.75 3.07 -13.42
C TRP B 42 0.15 1.79 -13.94
N ASN B 43 1.01 0.82 -14.15
CA ASN B 43 0.59 -0.52 -14.50
C ASN B 43 0.97 -1.44 -13.33
N LEU B 44 0.36 -2.63 -13.29
CA LEU B 44 0.66 -3.59 -12.24
C LEU B 44 1.60 -4.68 -12.74
N HIS B 45 2.58 -4.99 -11.90
CA HIS B 45 3.64 -5.94 -12.17
C HIS B 45 3.54 -7.05 -11.13
N ARG B 46 3.52 -8.29 -11.58
CA ARG B 46 3.42 -9.48 -10.73
C ARG B 46 4.79 -9.81 -10.12
N ASN B 47 4.87 -9.76 -8.79
CA ASN B 47 6.09 -10.09 -8.06
C ASN B 47 5.82 -11.43 -7.35
N GLU B 48 6.41 -12.51 -7.86
CA GLU B 48 6.19 -13.82 -7.29
C GLU B 48 7.41 -14.38 -6.54
N ASP B 49 7.20 -14.86 -5.31
CA ASP B 49 8.26 -15.43 -4.48
C ASP B 49 7.70 -16.68 -3.78
N PRO B 50 8.17 -17.87 -4.18
CA PRO B 50 7.68 -19.11 -3.54
C PRO B 50 8.05 -19.28 -2.06
N GLU B 51 9.04 -18.54 -1.58
CA GLU B 51 9.47 -18.60 -0.19
C GLU B 51 8.75 -17.59 0.71
N ARG B 52 7.72 -16.93 0.20
CA ARG B 52 7.02 -15.88 0.91
C ARG B 52 5.52 -16.09 0.87
N TYR B 53 4.81 -15.58 1.89
CA TYR B 53 3.35 -15.54 1.92
C TYR B 53 2.98 -14.07 2.22
N PRO B 54 2.18 -13.40 1.37
CA PRO B 54 1.65 -13.88 0.09
C PRO B 54 2.76 -14.08 -0.96
N SER B 55 2.69 -15.15 -1.76
CA SER B 55 3.68 -15.40 -2.79
C SER B 55 3.54 -14.38 -3.94
N VAL B 56 2.31 -13.94 -4.24
CA VAL B 56 2.11 -12.97 -5.30
C VAL B 56 1.79 -11.59 -4.72
N ILE B 57 2.59 -10.60 -5.10
CA ILE B 57 2.36 -9.23 -4.72
C ILE B 57 2.31 -8.38 -6.01
N TRP B 58 1.22 -7.63 -6.22
CA TRP B 58 1.10 -6.77 -7.40
C TRP B 58 1.73 -5.42 -7.09
N GLU B 59 2.80 -5.10 -7.82
CA GLU B 59 3.62 -3.92 -7.66
C GLU B 59 3.34 -2.88 -8.76
N ALA B 60 3.23 -1.61 -8.39
CA ALA B 60 2.97 -0.55 -9.35
C ALA B 60 4.22 -0.05 -10.05
N LYS B 61 4.13 0.12 -11.36
CA LYS B 61 5.23 0.68 -12.13
C LYS B 61 4.64 1.88 -12.84
N CYS B 62 5.19 3.09 -12.61
CA CYS B 62 4.74 4.32 -13.28
C CYS B 62 4.83 4.17 -14.79
N ARG B 63 3.77 4.55 -15.53
CA ARG B 63 3.81 4.41 -16.98
C ARG B 63 4.78 5.39 -17.62
N HIS B 64 4.91 6.59 -17.05
CA HIS B 64 5.75 7.62 -17.66
C HIS B 64 6.72 8.22 -16.64
N LEU B 65 7.75 8.91 -17.15
CA LEU B 65 8.68 9.69 -16.32
C LEU B 65 8.00 11.01 -15.91
N GLY B 66 7.24 11.59 -16.82
CA GLY B 66 6.51 12.83 -16.56
C GLY B 66 5.08 12.58 -16.10
N CYS B 67 4.31 13.66 -15.95
CA CYS B 67 2.90 13.54 -15.57
C CYS B 67 2.05 13.98 -16.75
N ILE B 68 0.81 13.51 -16.80
CA ILE B 68 -0.13 13.88 -17.83
C ILE B 68 -0.72 15.23 -17.51
N ASN B 69 -0.54 16.19 -18.43
CA ASN B 69 -1.05 17.53 -18.25
C ASN B 69 -2.54 17.64 -18.70
N ALA B 70 -3.10 18.87 -18.69
CA ALA B 70 -4.49 19.15 -19.06
C ALA B 70 -4.79 18.80 -20.52
N ASP B 71 -3.79 18.86 -21.40
CA ASP B 71 -3.97 18.51 -22.80
C ASP B 71 -3.97 16.98 -23.04
N GLY B 72 -3.78 16.18 -22.00
CA GLY B 72 -3.68 14.73 -22.14
C GLY B 72 -2.30 14.28 -22.57
N ASN B 73 -1.31 15.20 -22.62
CA ASN B 73 0.05 14.86 -23.02
C ASN B 73 0.97 14.68 -21.83
N VAL B 74 1.97 13.80 -21.97
CA VAL B 74 3.00 13.57 -20.96
C VAL B 74 3.87 14.82 -20.91
N ASP B 75 3.92 15.48 -19.77
CA ASP B 75 4.63 16.72 -19.53
C ASP B 75 5.79 16.42 -18.57
N TYR B 76 7.01 16.73 -18.99
CA TYR B 76 8.21 16.48 -18.20
C TYR B 76 8.56 17.59 -17.19
N HIS B 77 7.73 18.62 -17.05
CA HIS B 77 7.96 19.63 -16.01
C HIS B 77 7.63 19.12 -14.59
N MET B 78 6.99 17.93 -14.51
CA MET B 78 6.61 17.23 -13.29
C MET B 78 7.02 15.76 -13.43
N ASN B 79 7.13 15.01 -12.30
CA ASN B 79 7.52 13.61 -12.40
C ASN B 79 6.56 12.66 -11.74
N SER B 80 6.30 11.50 -12.39
CA SER B 80 5.51 10.44 -11.80
C SER B 80 6.49 9.69 -10.93
N VAL B 81 6.16 9.49 -9.65
CA VAL B 81 7.04 8.73 -8.75
C VAL B 81 6.25 7.63 -8.10
N PRO B 82 6.89 6.46 -7.93
CA PRO B 82 6.19 5.37 -7.24
C PRO B 82 6.07 5.67 -5.75
N ILE B 83 4.95 5.28 -5.15
CA ILE B 83 4.73 5.41 -3.72
C ILE B 83 5.19 4.09 -3.11
N GLN B 84 6.23 4.14 -2.30
CA GLN B 84 6.77 2.96 -1.65
C GLN B 84 6.22 2.84 -0.25
N GLN B 85 5.79 1.65 0.10
CA GLN B 85 5.30 1.40 1.43
C GLN B 85 6.04 0.21 2.01
N GLU B 86 6.30 0.22 3.32
CA GLU B 86 6.87 -0.94 3.98
C GLU B 86 5.71 -1.88 4.21
N ILE B 87 5.91 -3.13 3.85
CA ILE B 87 4.88 -4.16 3.96
C ILE B 87 5.45 -5.34 4.72
N LEU B 88 4.63 -5.95 5.58
CA LEU B 88 5.06 -7.14 6.29
C LEU B 88 4.67 -8.34 5.43
N VAL B 89 5.56 -9.30 5.34
CA VAL B 89 5.30 -10.54 4.63
C VAL B 89 5.76 -11.72 5.54
N LEU B 90 5.35 -12.95 5.22
CA LEU B 90 5.78 -14.13 5.96
C LEU B 90 6.87 -14.79 5.15
N ARG B 91 8.00 -15.08 5.76
CA ARG B 91 9.12 -15.75 5.09
C ARG B 91 9.13 -17.16 5.65
N ARG B 92 9.17 -18.18 4.78
CA ARG B 92 9.21 -19.57 5.26
C ARG B 92 10.47 -19.79 6.11
N GLU B 93 10.28 -20.23 7.36
CA GLU B 93 11.36 -20.49 8.31
C GLU B 93 11.09 -21.84 8.98
N PRO B 94 11.94 -22.86 8.79
CA PRO B 94 13.15 -22.87 7.92
C PRO B 94 12.78 -22.75 6.44
N PRO B 95 13.74 -22.47 5.53
CA PRO B 95 13.40 -22.33 4.12
C PRO B 95 12.64 -23.54 3.57
N HIS B 96 11.66 -23.29 2.69
CA HIS B 96 10.83 -24.30 2.06
C HIS B 96 9.74 -24.86 2.96
N SER B 97 9.68 -24.45 4.24
CA SER B 97 8.67 -24.96 5.15
C SER B 97 7.28 -24.56 4.70
N PRO B 98 6.37 -25.54 4.58
CA PRO B 98 5.01 -25.22 4.16
C PRO B 98 4.13 -24.62 5.25
N ASN B 99 4.55 -24.71 6.52
CA ASN B 99 3.67 -24.32 7.61
C ASN B 99 4.28 -23.48 8.73
N SER B 100 5.47 -22.92 8.51
CA SER B 100 6.11 -22.12 9.56
C SER B 100 6.85 -20.96 8.94
N PHE B 101 6.66 -19.79 9.52
CA PHE B 101 7.15 -18.56 8.96
C PHE B 101 7.65 -17.59 10.00
N ARG B 102 8.41 -16.59 9.52
CA ARG B 102 8.87 -15.49 10.34
C ARG B 102 8.44 -14.22 9.62
N LEU B 103 7.95 -13.27 10.39
CA LEU B 103 7.53 -11.99 9.86
C LEU B 103 8.76 -11.21 9.34
N GLU B 104 8.57 -10.50 8.24
CA GLU B 104 9.66 -9.79 7.59
C GLU B 104 9.15 -8.51 6.89
N LYS B 105 9.96 -7.45 6.85
CA LYS B 105 9.58 -6.19 6.21
C LYS B 105 10.18 -6.08 4.82
N ILE B 106 9.38 -5.68 3.83
CA ILE B 106 9.88 -5.41 2.49
C ILE B 106 9.33 -4.05 2.01
N LEU B 107 9.89 -3.48 0.95
CA LEU B 107 9.37 -2.22 0.39
C LEU B 107 8.57 -2.56 -0.87
N VAL B 108 7.31 -2.15 -0.96
CA VAL B 108 6.47 -2.41 -2.13
C VAL B 108 5.95 -1.10 -2.76
N SER B 109 5.95 -1.02 -4.09
CA SER B 109 5.39 0.13 -4.80
C SER B 109 3.88 -0.10 -4.98
N VAL B 110 3.08 0.76 -4.38
CA VAL B 110 1.64 0.61 -4.33
C VAL B 110 0.84 1.52 -5.24
N GLY B 111 1.51 2.43 -5.92
CA GLY B 111 0.87 3.37 -6.83
C GLY B 111 1.87 4.43 -7.22
N CYS B 112 1.41 5.40 -8.01
CA CYS B 112 2.25 6.50 -8.40
C CYS B 112 1.57 7.81 -8.10
N THR B 113 2.36 8.82 -7.78
CA THR B 113 1.90 10.16 -7.52
C THR B 113 2.72 11.14 -8.40
N CYS B 114 2.22 12.37 -8.59
CA CYS B 114 2.93 13.35 -9.41
C CYS B 114 3.61 14.37 -8.52
N VAL B 115 4.93 14.59 -8.68
CA VAL B 115 5.64 15.54 -7.84
C VAL B 115 6.28 16.66 -8.63
N THR B 116 6.46 17.80 -7.98
CA THR B 116 7.14 18.93 -8.56
C THR B 116 8.61 18.72 -8.25
N PRO B 117 9.48 18.64 -9.27
CA PRO B 117 10.92 18.42 -9.00
C PRO B 117 11.58 19.47 -8.10
N ILE B 118 12.68 19.08 -7.45
CA ILE B 118 13.45 19.96 -6.56
C ILE B 118 14.50 20.77 -7.34
C3 A1IDS C . 1.14 1.06 7.74
O2 A1IDS C . 0.85 1.20 8.92
C41 A1IDS C . -0.26 -6.46 0.26
C12 A1IDS C . 2.58 -0.88 8.12
C13 A1IDS C . 4.11 -1.04 7.93
C15 A1IDS C . 6.01 -2.34 8.57
C16 A1IDS C . 1.84 -2.18 7.79
C17 A1IDS C . 2.33 -3.20 7.06
C18 A1IDS C . 1.46 -4.35 6.80
C21 A1IDS C . 0.43 -2.31 8.25
C22 A1IDS C . -0.37 -5.45 6.85
C23 A1IDS C . 0.52 -6.21 6.16
C25 A1IDS C . 0.34 -7.58 5.61
C26 A1IDS C . 0.82 -8.67 6.63
C27 A1IDS C . 0.19 -8.54 8.05
C28 A1IDS C . 0.74 -9.63 9.00
C29 A1IDS C . 0.55 -11.03 8.36
C30 A1IDS C . 1.28 -11.13 6.99
N1 A1IDS C . 0.99 -7.79 4.31
N4 A1IDS C . 0.62 1.77 6.73
C5 A1IDS C . 1.09 1.34 5.42
C6 A1IDS C . -0.08 0.68 4.65
F7 A1IDS C . -0.56 -0.43 5.25
F8 A1IDS C . -1.14 1.51 4.53
F9 A1IDS C . 0.35 0.29 3.44
C10 A1IDS C . 2.10 0.20 5.79
N11 A1IDS C . 1.99 0.14 7.24
O14 A1IDS C . 4.62 -2.05 8.82
N19 A1IDS C . 0.22 -4.33 7.20
N20 A1IDS C . -0.29 -3.31 7.92
N24 A1IDS C . 1.71 -5.41 6.16
C31 A1IDS C . 0.65 -10.09 6.04
C32 A1IDS C . 0.31 -7.61 3.17
C33 A1IDS C . 1.06 -7.87 1.93
O34 A1IDS C . -0.86 -7.27 3.15
C35 A1IDS C . 0.83 -7.40 0.71
F36 A1IDS C . 2.14 -8.63 2.09
C37 A1IDS C . -0.33 -6.28 -1.28
F38 A1IDS C . 1.09 -11.94 9.19
F39 A1IDS C . -0.78 -11.28 8.18
C40 A1IDS C . 0.23 -5.13 -0.40
#